data_5RZ2
#
_entry.id   5RZ2
#
_cell.length_a   38.720
_cell.length_b   77.630
_cell.length_c   99.560
_cell.angle_alpha   90.000
_cell.angle_beta   90.000
_cell.angle_gamma   90.000
#
_symmetry.space_group_name_H-M   'P 21 21 21'
#
loop_
_entity.id
_entity.type
_entity.pdbx_description
1 polymer 'Isoform 2 of Band 4.1-like protein 3'
2 non-polymer N-methyl-N-[2-(pyridin-2-yl)ethyl]benzamide
3 non-polymer 'DIMETHYL SULFOXIDE'
4 non-polymer 1,2-ETHANEDIOL
5 water water
#
_entity_poly.entity_id   1
_entity_poly.type   'polypeptide(L)'
_entity_poly.pdbx_seq_one_letter_code
;SMPKSMQCKVILLDGSEYTCDVEKRSRGQVLFDKVCEHLNLLEKDYFGLTYRDAENQKNWLDPAKEIKKQVRSGAWHFSF
NVKFYPPDPAQLSEDITRYYLCLQLRDDIVSGRLPCSFVTLALLGSYTVQSELGDYDPDECGSDYISEFRFAPNHTKELE
DKVIELHKSHRGMTPAEAEMHFLENAKKLSMYGVDLHHAKDSEGVEIMLGVCASGLLIYRDRLRINRFAWPKVLKISYKR
NNFYIKIRPGEFEQFESTIGFKLPNHRAAKRLWKVCVEHHTFFRLL
;
_entity_poly.pdbx_strand_id   A
#
loop_
_chem_comp.id
_chem_comp.type
_chem_comp.name
_chem_comp.formula
DMS non-polymer 'DIMETHYL SULFOXIDE' 'C2 H6 O S'
EDO non-polymer 1,2-ETHANEDIOL 'C2 H6 O2'
WH1 non-polymer N-methyl-N-[2-(pyridin-2-yl)ethyl]benzamide 'C15 H16 N2 O'
#
# COMPACT_ATOMS: atom_id res chain seq x y z
N PRO A 3 13.41 -27.90 -19.63
CA PRO A 3 12.42 -27.07 -18.90
C PRO A 3 12.64 -25.56 -19.13
N LYS A 4 11.77 -24.92 -19.91
CA LYS A 4 12.00 -23.52 -20.36
C LYS A 4 11.69 -22.52 -19.25
N SER A 5 12.62 -21.60 -18.99
N SER A 5 12.65 -21.64 -18.98
CA SER A 5 12.55 -20.62 -17.87
CA SER A 5 12.60 -20.60 -17.93
C SER A 5 12.49 -19.19 -18.41
C SER A 5 12.26 -19.25 -18.56
N MET A 6 11.70 -18.32 -17.77
CA MET A 6 11.51 -16.91 -18.18
C MET A 6 12.26 -16.04 -17.16
N GLN A 7 12.92 -15.01 -17.62
CA GLN A 7 13.60 -14.06 -16.76
C GLN A 7 12.57 -13.10 -16.15
N CYS A 8 12.63 -12.90 -14.83
CA CYS A 8 11.72 -12.00 -14.10
C CYS A 8 12.54 -10.86 -13.52
N LYS A 9 12.04 -9.62 -13.63
CA LYS A 9 12.67 -8.43 -13.04
C LYS A 9 11.69 -7.83 -12.03
N VAL A 10 12.16 -7.65 -10.79
CA VAL A 10 11.29 -7.17 -9.69
C VAL A 10 11.93 -5.92 -9.13
N ILE A 11 11.18 -4.82 -9.12
CA ILE A 11 11.59 -3.57 -8.46
C ILE A 11 11.28 -3.71 -6.97
N LEU A 12 12.33 -3.68 -6.15
CA LEU A 12 12.25 -3.76 -4.67
C LEU A 12 11.94 -2.38 -4.06
N LEU A 13 11.52 -2.38 -2.80
CA LEU A 13 11.01 -1.16 -2.14
C LEU A 13 12.14 -0.14 -1.91
N ASP A 14 13.41 -0.57 -1.90
CA ASP A 14 14.58 0.37 -1.85
C ASP A 14 14.93 0.89 -3.25
N GLY A 15 14.14 0.54 -4.27
CA GLY A 15 14.33 1.05 -5.65
C GLY A 15 15.30 0.22 -6.48
N SER A 16 15.94 -0.78 -5.88
CA SER A 16 16.85 -1.73 -6.60
C SER A 16 16.03 -2.81 -7.32
N GLU A 17 16.70 -3.53 -8.22
CA GLU A 17 16.11 -4.57 -9.12
C GLU A 17 16.62 -5.96 -8.73
N TYR A 18 15.72 -6.92 -8.49
CA TYR A 18 16.07 -8.34 -8.34
C TYR A 18 15.71 -9.05 -9.64
N THR A 19 16.63 -9.85 -10.18
CA THR A 19 16.43 -10.65 -11.40
C THR A 19 16.51 -12.12 -11.02
N CYS A 20 15.56 -12.93 -11.47
CA CYS A 20 15.62 -14.41 -11.29
C CYS A 20 14.91 -15.07 -12.46
N ASP A 21 14.93 -16.39 -12.50
CA ASP A 21 14.30 -17.14 -13.58
C ASP A 21 13.26 -18.06 -12.92
N VAL A 22 12.13 -18.25 -13.57
CA VAL A 22 11.17 -19.31 -13.16
C VAL A 22 10.78 -20.09 -14.41
N GLU A 23 10.37 -21.35 -14.24
CA GLU A 23 9.79 -22.14 -15.34
C GLU A 23 8.61 -21.34 -15.90
N LYS A 24 8.40 -21.38 -17.23
CA LYS A 24 7.49 -20.41 -17.90
C LYS A 24 6.03 -20.68 -17.51
N ARG A 25 5.67 -21.89 -17.07
CA ARG A 25 4.30 -22.23 -16.60
C ARG A 25 4.14 -22.02 -15.07
N SER A 26 5.10 -21.38 -14.43
CA SER A 26 5.10 -21.15 -12.97
C SER A 26 3.89 -20.33 -12.52
N ARG A 27 3.38 -20.65 -11.32
CA ARG A 27 2.37 -19.86 -10.58
C ARG A 27 3.05 -18.69 -9.89
N GLY A 28 2.30 -17.62 -9.60
CA GLY A 28 2.88 -16.42 -9.00
C GLY A 28 3.59 -16.71 -7.68
N GLN A 29 3.09 -17.69 -6.89
CA GLN A 29 3.71 -18.03 -5.58
C GLN A 29 5.19 -18.35 -5.77
N VAL A 30 5.53 -19.05 -6.86
CA VAL A 30 6.95 -19.48 -7.11
C VAL A 30 7.85 -18.24 -7.11
N LEU A 31 7.52 -17.22 -7.92
CA LEU A 31 8.33 -15.98 -7.98
C LEU A 31 8.30 -15.26 -6.63
N PHE A 32 7.12 -15.11 -6.06
CA PHE A 32 6.97 -14.42 -4.74
C PHE A 32 7.89 -15.07 -3.68
N ASP A 33 7.93 -16.39 -3.60
CA ASP A 33 8.77 -17.11 -2.60
C ASP A 33 10.26 -16.74 -2.85
N LYS A 34 10.70 -16.72 -4.10
CA LYS A 34 12.10 -16.34 -4.47
C LYS A 34 12.39 -14.92 -4.00
N VAL A 35 11.46 -13.98 -4.22
CA VAL A 35 11.73 -12.57 -3.84
C VAL A 35 11.80 -12.46 -2.31
N CYS A 36 10.85 -13.08 -1.63
CA CYS A 36 10.79 -13.05 -0.15
C CYS A 36 12.04 -13.68 0.45
N GLU A 37 12.52 -14.79 -0.11
CA GLU A 37 13.79 -15.41 0.39
C GLU A 37 14.94 -14.40 0.20
N HIS A 38 15.05 -13.77 -0.97
CA HIS A 38 16.05 -12.71 -1.24
C HIS A 38 15.96 -11.62 -0.16
N LEU A 39 14.76 -11.25 0.27
CA LEU A 39 14.55 -10.11 1.21
C LEU A 39 14.69 -10.60 2.66
N ASN A 40 14.86 -11.90 2.90
CA ASN A 40 14.89 -12.51 4.28
C ASN A 40 13.59 -12.18 5.02
N LEU A 41 12.47 -12.27 4.29
CA LEU A 41 11.14 -11.90 4.79
C LEU A 41 10.37 -13.18 5.12
N LEU A 42 9.94 -13.30 6.37
CA LEU A 42 9.15 -14.45 6.86
C LEU A 42 7.67 -14.10 6.95
N GLU A 43 7.32 -12.88 7.36
CA GLU A 43 5.92 -12.47 7.50
C GLU A 43 5.41 -12.04 6.13
N LYS A 44 5.27 -12.99 5.22
CA LYS A 44 5.06 -12.69 3.78
C LYS A 44 3.60 -12.31 3.46
N ASP A 45 2.65 -12.67 4.33
CA ASP A 45 1.17 -12.53 4.17
C ASP A 45 0.74 -11.09 3.85
N TYR A 46 1.47 -10.08 4.33
CA TYR A 46 1.12 -8.65 4.12
C TYR A 46 1.52 -8.17 2.72
N PHE A 47 2.29 -8.93 1.96
CA PHE A 47 2.96 -8.41 0.74
C PHE A 47 2.47 -9.16 -0.50
N GLY A 48 2.81 -8.64 -1.69
CA GLY A 48 2.58 -9.29 -2.97
C GLY A 48 3.38 -8.61 -4.05
N LEU A 49 3.24 -9.10 -5.27
CA LEU A 49 3.87 -8.52 -6.47
C LEU A 49 2.77 -7.90 -7.31
N THR A 50 3.09 -6.75 -7.88
CA THR A 50 2.23 -6.08 -8.86
C THR A 50 2.89 -6.15 -10.22
N TYR A 51 2.07 -6.06 -11.25
CA TYR A 51 2.52 -5.83 -12.63
C TYR A 51 1.56 -4.82 -13.29
N ARG A 52 1.98 -4.29 -14.43
CA ARG A 52 1.20 -3.31 -15.24
C ARG A 52 0.56 -4.04 -16.41
N ASP A 53 -0.73 -3.85 -16.64
CA ASP A 53 -1.49 -4.62 -17.66
C ASP A 53 -1.38 -3.86 -18.97
N ALA A 54 -2.03 -4.38 -20.02
CA ALA A 54 -2.02 -3.81 -21.38
C ALA A 54 -2.59 -2.38 -21.36
N GLU A 55 -3.41 -2.04 -20.35
CA GLU A 55 -3.97 -0.67 -20.16
C GLU A 55 -3.08 0.19 -19.23
N ASN A 56 -1.91 -0.33 -18.79
CA ASN A 56 -0.95 0.30 -17.82
C ASN A 56 -1.57 0.46 -16.41
N GLN A 57 -2.52 -0.39 -16.02
CA GLN A 57 -3.08 -0.36 -14.64
C GLN A 57 -2.24 -1.32 -13.78
N LYS A 58 -1.99 -0.97 -12.52
CA LYS A 58 -1.41 -1.88 -11.50
C LYS A 58 -2.40 -3.01 -11.19
N ASN A 59 -1.92 -4.24 -11.24
CA ASN A 59 -2.69 -5.45 -10.91
C ASN A 59 -1.87 -6.22 -9.88
N TRP A 60 -2.51 -6.85 -8.90
CA TRP A 60 -1.83 -7.84 -8.04
C TRP A 60 -1.60 -9.12 -8.85
N LEU A 61 -0.39 -9.65 -8.81
CA LEU A 61 -0.11 -10.99 -9.35
C LEU A 61 -0.78 -12.00 -8.41
N ASP A 62 -1.71 -12.79 -8.93
CA ASP A 62 -2.40 -13.83 -8.11
C ASP A 62 -1.43 -14.99 -7.92
N PRO A 63 -1.00 -15.28 -6.68
CA PRO A 63 0.00 -16.33 -6.45
C PRO A 63 -0.44 -17.73 -6.85
N ALA A 64 -1.75 -17.95 -6.89
CA ALA A 64 -2.35 -19.27 -7.20
C ALA A 64 -2.48 -19.52 -8.70
N LYS A 65 -2.28 -18.51 -9.55
CA LYS A 65 -2.50 -18.61 -11.02
C LYS A 65 -1.17 -18.51 -11.76
N GLU A 66 -1.13 -19.06 -12.96
CA GLU A 66 0.07 -18.98 -13.81
C GLU A 66 0.46 -17.50 -14.02
N ILE A 67 1.73 -17.21 -13.94
CA ILE A 67 2.27 -15.86 -14.26
C ILE A 67 1.92 -15.49 -15.70
N LYS A 68 2.10 -16.42 -16.65
CA LYS A 68 1.93 -16.11 -18.08
C LYS A 68 0.49 -15.75 -18.38
N LYS A 69 -0.51 -16.31 -17.68
CA LYS A 69 -1.93 -16.01 -17.96
C LYS A 69 -2.35 -14.71 -17.29
N GLN A 70 -1.46 -14.08 -16.55
CA GLN A 70 -1.73 -12.76 -15.92
C GLN A 70 -1.01 -11.69 -16.73
N VAL A 71 0.31 -11.82 -16.92
CA VAL A 71 1.10 -10.80 -17.64
C VAL A 71 0.74 -10.86 -19.14
N ARG A 72 0.26 -12.02 -19.60
CA ARG A 72 -0.28 -12.25 -20.97
C ARG A 72 0.71 -11.74 -22.01
N SER A 73 0.49 -10.59 -22.63
CA SER A 73 1.35 -10.11 -23.72
C SER A 73 2.48 -9.22 -23.18
N GLY A 74 2.42 -8.81 -21.91
CA GLY A 74 3.36 -7.82 -21.30
C GLY A 74 4.68 -8.45 -20.85
N ALA A 75 5.63 -7.59 -20.47
CA ALA A 75 6.96 -7.98 -19.97
C ALA A 75 6.79 -8.64 -18.61
N TRP A 76 7.72 -9.52 -18.25
CA TRP A 76 7.73 -10.15 -16.91
C TRP A 76 8.49 -9.22 -15.95
N HIS A 77 7.89 -8.07 -15.71
CA HIS A 77 8.42 -6.98 -14.87
C HIS A 77 7.42 -6.77 -13.75
N PHE A 78 7.88 -6.68 -12.53
CA PHE A 78 6.98 -6.66 -11.35
C PHE A 78 7.50 -5.63 -10.37
N SER A 79 6.68 -5.26 -9.38
CA SER A 79 7.15 -4.54 -8.18
C SER A 79 6.76 -5.35 -6.95
N PHE A 80 7.57 -5.24 -5.91
CA PHE A 80 7.30 -5.84 -4.59
C PHE A 80 6.63 -4.78 -3.73
N ASN A 81 5.46 -5.08 -3.19
CA ASN A 81 4.64 -4.06 -2.49
C ASN A 81 3.91 -4.64 -1.28
N VAL A 82 3.56 -3.73 -0.38
CA VAL A 82 2.61 -4.07 0.72
C VAL A 82 1.23 -4.20 0.09
N LYS A 83 0.57 -5.32 0.35
CA LYS A 83 -0.81 -5.56 -0.12
C LYS A 83 -1.81 -5.31 1.01
N PHE A 84 -1.55 -5.82 2.21
CA PHE A 84 -2.45 -5.64 3.38
C PHE A 84 -1.71 -4.81 4.44
N TYR A 85 -2.07 -3.54 4.63
CA TYR A 85 -1.36 -2.66 5.60
C TYR A 85 -1.86 -2.99 7.00
N PRO A 86 -1.02 -3.51 7.93
CA PRO A 86 -1.51 -3.87 9.25
C PRO A 86 -1.99 -2.67 10.04
N PRO A 87 -3.19 -2.71 10.63
CA PRO A 87 -3.65 -1.60 11.45
C PRO A 87 -2.74 -1.39 12.68
N ASP A 88 -2.10 -2.44 13.18
CA ASP A 88 -1.18 -2.26 14.33
C ASP A 88 0.17 -2.90 14.04
N PRO A 89 1.08 -2.13 13.41
CA PRO A 89 2.38 -2.65 13.02
C PRO A 89 3.20 -3.16 14.21
N ALA A 90 2.93 -2.68 15.43
CA ALA A 90 3.61 -3.14 16.65
C ALA A 90 3.35 -4.64 16.87
N GLN A 91 2.28 -5.17 16.28
CA GLN A 91 1.91 -6.61 16.51
C GLN A 91 2.65 -7.50 15.51
N LEU A 92 3.34 -6.94 14.51
CA LEU A 92 4.13 -7.80 13.59
C LEU A 92 5.25 -8.45 14.41
N SER A 93 5.60 -9.69 14.10
CA SER A 93 6.57 -10.43 14.95
C SER A 93 8.00 -10.00 14.64
N GLU A 94 8.31 -9.49 13.43
CA GLU A 94 9.72 -9.18 13.08
C GLU A 94 9.93 -7.71 12.72
N ASP A 95 11.07 -7.21 13.17
CA ASP A 95 11.58 -5.88 12.81
C ASP A 95 11.75 -5.79 11.28
N ILE A 96 12.17 -6.83 10.58
CA ILE A 96 12.44 -6.67 9.14
C ILE A 96 11.11 -6.46 8.39
N THR A 97 10.01 -7.03 8.91
CA THR A 97 8.67 -6.80 8.35
C THR A 97 8.38 -5.31 8.48
N ARG A 98 8.62 -4.74 9.65
CA ARG A 98 8.28 -3.33 9.92
C ARG A 98 9.14 -2.44 9.01
N TYR A 99 10.39 -2.84 8.79
CA TYR A 99 11.33 -2.18 7.84
C TYR A 99 10.73 -2.07 6.43
N TYR A 100 10.31 -3.17 5.79
CA TYR A 100 9.71 -3.12 4.44
C TYR A 100 8.44 -2.28 4.47
N LEU A 101 7.61 -2.38 5.53
CA LEU A 101 6.39 -1.56 5.64
C LEU A 101 6.77 -0.07 5.64
N CYS A 102 7.83 0.33 6.34
CA CYS A 102 8.37 1.70 6.33
C CYS A 102 8.77 2.08 4.90
N LEU A 103 9.50 1.22 4.20
CA LEU A 103 9.95 1.57 2.82
C LEU A 103 8.71 1.84 1.96
N GLN A 104 7.68 1.00 2.07
CA GLN A 104 6.47 1.15 1.24
C GLN A 104 5.83 2.50 1.56
N LEU A 105 5.67 2.78 2.85
CA LEU A 105 5.00 4.00 3.31
C LEU A 105 5.80 5.24 2.86
N ARG A 106 7.12 5.19 2.89
CA ARG A 106 7.94 6.32 2.37
C ARG A 106 7.55 6.61 0.91
N ASP A 107 7.32 5.58 0.09
CA ASP A 107 6.91 5.79 -1.31
C ASP A 107 5.47 6.28 -1.37
N ASP A 108 4.60 5.78 -0.51
CA ASP A 108 3.20 6.24 -0.43
C ASP A 108 3.24 7.76 -0.21
N ILE A 109 4.15 8.23 0.65
CA ILE A 109 4.19 9.65 1.04
C ILE A 109 4.76 10.47 -0.12
N VAL A 110 5.91 10.09 -0.68
CA VAL A 110 6.63 10.86 -1.73
C VAL A 110 5.71 10.98 -2.96
N SER A 111 4.97 9.91 -3.25
CA SER A 111 4.08 9.76 -4.42
C SER A 111 2.82 10.61 -4.26
N GLY A 112 2.43 10.95 -3.03
CA GLY A 112 1.19 11.68 -2.69
C GLY A 112 -0.02 10.78 -2.55
N ARG A 113 0.12 9.46 -2.62
CA ARG A 113 -0.99 8.52 -2.29
C ARG A 113 -1.37 8.64 -0.81
N LEU A 114 -0.45 9.06 0.05
CA LEU A 114 -0.69 9.16 1.51
C LEU A 114 -0.47 10.60 1.93
N PRO A 115 -1.52 11.43 1.91
CA PRO A 115 -1.38 12.83 2.26
C PRO A 115 -0.99 12.94 3.72
N CYS A 116 -0.28 14.01 4.06
N CYS A 116 -0.09 13.87 4.01
CA CYS A 116 0.40 14.18 5.34
CA CYS A 116 0.40 14.22 5.36
C CYS A 116 0.65 15.67 5.60
C CYS A 116 0.39 15.74 5.54
N SER A 117 0.34 16.17 6.80
CA SER A 117 0.64 17.57 7.22
C SER A 117 2.16 17.80 7.19
N PHE A 118 2.55 19.06 7.09
CA PHE A 118 3.95 19.51 7.22
C PHE A 118 4.64 18.85 8.43
N VAL A 119 4.04 18.96 9.62
CA VAL A 119 4.68 18.47 10.87
C VAL A 119 4.86 16.96 10.78
N THR A 120 3.85 16.24 10.34
CA THR A 120 3.98 14.77 10.21
C THR A 120 5.00 14.40 9.12
N LEU A 121 5.03 15.06 7.96
CA LEU A 121 6.14 14.84 6.98
C LEU A 121 7.51 14.98 7.67
N ALA A 122 7.73 16.05 8.43
CA ALA A 122 9.04 16.31 9.09
C ALA A 122 9.30 15.25 10.16
N LEU A 123 8.28 14.86 10.92
CA LEU A 123 8.45 13.82 11.97
C LEU A 123 8.80 12.46 11.36
N LEU A 124 8.04 12.01 10.37
CA LEU A 124 8.32 10.74 9.65
C LEU A 124 9.72 10.82 9.01
N GLY A 125 10.05 11.94 8.37
CA GLY A 125 11.41 12.15 7.83
C GLY A 125 12.48 11.96 8.91
N SER A 126 12.31 12.63 10.06
CA SER A 126 13.29 12.59 11.19
C SER A 126 13.54 11.14 11.66
N TYR A 127 12.51 10.31 11.74
CA TYR A 127 12.64 8.89 12.13
C TYR A 127 13.40 8.10 11.05
N THR A 128 13.10 8.32 9.78
CA THR A 128 13.90 7.68 8.69
C THR A 128 15.38 8.04 8.81
N VAL A 129 15.68 9.33 8.94
CA VAL A 129 17.10 9.79 9.05
C VAL A 129 17.72 9.08 10.24
N GLN A 130 17.06 9.10 11.41
CA GLN A 130 17.61 8.45 12.61
C GLN A 130 17.91 6.97 12.33
N SER A 131 16.94 6.26 11.77
N SER A 131 16.97 6.27 11.70
CA SER A 131 17.10 4.82 11.40
CA SER A 131 17.06 4.81 11.40
C SER A 131 18.30 4.67 10.48
C SER A 131 18.14 4.55 10.34
N GLU A 132 18.39 5.49 9.43
CA GLU A 132 19.39 5.30 8.34
C GLU A 132 20.77 5.88 8.64
N LEU A 133 20.87 7.03 9.31
CA LEU A 133 22.20 7.64 9.58
C LEU A 133 22.57 7.46 11.05
N GLY A 134 21.62 7.13 11.92
CA GLY A 134 21.90 7.14 13.36
C GLY A 134 21.85 8.57 13.90
N ASP A 135 22.55 8.84 14.99
CA ASP A 135 22.45 10.12 15.75
C ASP A 135 22.82 11.30 14.88
N TYR A 136 22.12 12.41 15.10
CA TYR A 136 22.38 13.72 14.47
C TYR A 136 23.87 14.05 14.59
N ASP A 137 24.49 14.45 13.48
CA ASP A 137 25.86 15.02 13.42
C ASP A 137 25.82 16.37 12.72
N PRO A 138 26.23 17.46 13.42
CA PRO A 138 26.33 18.80 12.81
C PRO A 138 27.37 18.96 11.67
N ASP A 139 28.38 18.08 11.63
CA ASP A 139 29.49 18.11 10.63
C ASP A 139 28.91 17.98 9.22
N GLU A 140 27.95 17.05 9.05
CA GLU A 140 27.32 16.72 7.75
C GLU A 140 26.36 17.84 7.33
N CYS A 141 25.62 18.40 8.30
CA CYS A 141 24.51 19.36 8.06
C CYS A 141 24.88 20.76 8.56
N GLY A 142 25.18 21.67 7.63
CA GLY A 142 25.29 23.12 7.89
C GLY A 142 23.93 23.79 7.77
N SER A 143 23.89 25.12 7.82
CA SER A 143 22.63 25.92 7.76
C SER A 143 21.94 25.70 6.41
N ASP A 144 22.68 25.24 5.40
CA ASP A 144 22.18 25.09 4.00
C ASP A 144 22.01 23.59 3.65
N TYR A 145 21.80 22.73 4.64
CA TYR A 145 21.70 21.26 4.41
C TYR A 145 20.38 20.85 3.72
N ILE A 146 20.49 20.00 2.70
CA ILE A 146 19.33 19.36 2.01
C ILE A 146 19.63 17.86 1.85
N SER A 147 18.83 17.02 2.50
CA SER A 147 19.01 15.54 2.58
C SER A 147 18.89 14.89 1.20
N GLU A 148 19.63 13.81 0.96
CA GLU A 148 19.43 12.95 -0.23
C GLU A 148 18.03 12.31 -0.13
N PHE A 149 17.54 12.12 1.10
CA PHE A 149 16.27 11.42 1.40
C PHE A 149 15.16 12.30 0.84
N ARG A 150 14.25 11.62 0.17
CA ARG A 150 12.94 12.09 -0.31
C ARG A 150 11.95 11.85 0.82
N PHE A 151 11.34 12.92 1.29
CA PHE A 151 10.42 12.99 2.44
C PHE A 151 9.01 13.35 2.04
N ALA A 152 8.78 13.92 0.86
CA ALA A 152 7.49 14.54 0.54
C ALA A 152 7.30 14.68 -0.96
N PRO A 153 6.05 14.83 -1.41
CA PRO A 153 5.77 15.09 -2.82
C PRO A 153 6.45 16.38 -3.29
N ASN A 154 6.54 17.38 -2.41
CA ASN A 154 7.22 18.68 -2.73
C ASN A 154 8.09 19.09 -1.54
N HIS A 155 9.39 19.19 -1.79
CA HIS A 155 10.39 19.55 -0.77
C HIS A 155 10.54 21.08 -0.69
N THR A 156 10.65 21.58 0.53
CA THR A 156 10.96 23.00 0.83
C THR A 156 12.13 23.04 1.80
N LYS A 157 12.86 24.15 1.84
CA LYS A 157 13.97 24.32 2.79
C LYS A 157 13.39 24.26 4.21
N GLU A 158 12.20 24.82 4.41
CA GLU A 158 11.52 24.78 5.74
C GLU A 158 11.34 23.31 6.17
N LEU A 159 10.93 22.44 5.23
CA LEU A 159 10.69 21.03 5.63
C LEU A 159 12.04 20.37 5.99
N GLU A 160 13.08 20.62 5.22
CA GLU A 160 14.44 20.07 5.53
C GLU A 160 14.91 20.50 6.90
N ASP A 161 14.67 21.77 7.24
CA ASP A 161 15.07 22.34 8.55
C ASP A 161 14.32 21.62 9.69
N LYS A 162 13.04 21.31 9.48
CA LYS A 162 12.20 20.75 10.56
C LYS A 162 12.61 19.30 10.78
N VAL A 163 12.89 18.56 9.70
CA VAL A 163 13.47 17.18 9.79
C VAL A 163 14.71 17.25 10.68
N ILE A 164 15.62 18.18 10.44
CA ILE A 164 16.89 18.24 11.23
C ILE A 164 16.54 18.57 12.68
N GLU A 165 15.65 19.54 12.93
CA GLU A 165 15.31 19.93 14.32
C GLU A 165 14.80 18.69 15.07
N LEU A 166 13.93 17.87 14.47
CA LEU A 166 13.35 16.69 15.17
C LEU A 166 14.40 15.59 15.23
N HIS A 167 15.24 15.47 14.22
CA HIS A 167 16.35 14.48 14.22
C HIS A 167 17.24 14.67 15.47
N LYS A 168 17.53 15.90 15.83
CA LYS A 168 18.39 16.17 17.00
C LYS A 168 17.75 15.58 18.25
N SER A 169 16.41 15.50 18.32
CA SER A 169 15.68 15.07 19.53
C SER A 169 15.76 13.53 19.66
N HIS A 170 16.19 12.80 18.63
CA HIS A 170 16.14 11.31 18.63
C HIS A 170 17.49 10.65 19.03
N ARG A 171 18.43 11.38 19.62
CA ARG A 171 19.78 10.80 19.97
C ARG A 171 19.60 9.50 20.78
N GLY A 172 20.33 8.45 20.40
CA GLY A 172 20.37 7.15 21.09
C GLY A 172 19.28 6.20 20.62
N MET A 173 18.43 6.64 19.69
CA MET A 173 17.37 5.78 19.10
C MET A 173 18.02 4.79 18.14
N THR A 174 17.64 3.53 18.26
CA THR A 174 18.13 2.44 17.38
C THR A 174 17.23 2.37 16.15
N PRO A 175 17.70 1.76 15.04
CA PRO A 175 16.90 1.70 13.81
C PRO A 175 15.52 1.08 14.01
N ALA A 176 15.40 -0.01 14.78
CA ALA A 176 14.12 -0.70 15.02
C ALA A 176 13.18 0.24 15.78
N GLU A 177 13.75 0.94 16.74
CA GLU A 177 12.98 1.89 17.60
C GLU A 177 12.44 3.06 16.73
N ALA A 178 13.28 3.63 15.87
CA ALA A 178 12.93 4.76 14.97
C ALA A 178 11.86 4.27 13.96
N GLU A 179 12.00 3.07 13.43
CA GLU A 179 11.01 2.47 12.51
C GLU A 179 9.67 2.27 13.22
N MET A 180 9.67 1.82 14.47
CA MET A 180 8.40 1.61 15.18
C MET A 180 7.73 2.98 15.39
N HIS A 181 8.47 4.01 15.78
CA HIS A 181 7.90 5.37 15.93
C HIS A 181 7.34 5.85 14.58
N PHE A 182 8.07 5.60 13.50
CA PHE A 182 7.60 6.02 12.16
C PHE A 182 6.19 5.44 11.97
N LEU A 183 6.06 4.14 12.22
CA LEU A 183 4.81 3.39 11.98
C LEU A 183 3.69 3.83 12.94
N GLU A 184 4.02 4.14 14.18
CA GLU A 184 3.00 4.57 15.18
C GLU A 184 2.35 5.88 14.68
N ASN A 185 3.14 6.75 14.04
CA ASN A 185 2.64 8.01 13.46
C ASN A 185 1.89 7.75 12.14
N ALA A 186 2.52 7.00 11.22
CA ALA A 186 1.96 6.79 9.87
C ALA A 186 0.59 6.11 9.96
N LYS A 187 0.43 5.16 10.89
CA LYS A 187 -0.77 4.27 10.99
C LYS A 187 -1.99 5.14 11.30
N LYS A 188 -1.80 6.34 11.82
CA LYS A 188 -2.94 7.21 12.26
C LYS A 188 -3.45 8.09 11.11
N LEU A 189 -2.70 8.18 10.00
CA LEU A 189 -3.09 9.09 8.89
C LEU A 189 -4.39 8.58 8.24
N SER A 190 -5.27 9.50 7.91
CA SER A 190 -6.63 9.13 7.47
C SER A 190 -6.56 8.26 6.21
N MET A 191 -5.50 8.37 5.38
CA MET A 191 -5.42 7.56 4.14
C MET A 191 -4.43 6.38 4.29
N TYR A 192 -4.00 6.02 5.50
CA TYR A 192 -3.10 4.87 5.71
C TYR A 192 -3.75 3.57 5.21
N GLY A 193 -3.07 2.92 4.29
CA GLY A 193 -3.43 1.60 3.74
C GLY A 193 -4.71 1.65 2.90
N VAL A 194 -5.12 2.81 2.44
CA VAL A 194 -6.37 2.95 1.65
C VAL A 194 -6.01 2.84 0.19
N ASP A 195 -6.52 1.80 -0.50
CA ASP A 195 -6.40 1.62 -1.96
C ASP A 195 -7.58 2.35 -2.63
N LEU A 196 -7.32 3.38 -3.44
CA LEU A 196 -8.36 4.29 -4.04
C LEU A 196 -8.69 3.84 -5.46
N HIS A 197 -9.99 3.80 -5.75
CA HIS A 197 -10.53 3.42 -7.08
C HIS A 197 -11.48 4.52 -7.54
N HIS A 198 -11.22 5.16 -8.68
CA HIS A 198 -12.17 6.08 -9.38
C HIS A 198 -13.47 5.35 -9.76
N ALA A 199 -14.63 5.94 -9.49
CA ALA A 199 -15.94 5.34 -9.81
C ALA A 199 -17.00 6.45 -9.96
N LYS A 200 -18.17 6.08 -10.47
CA LYS A 200 -19.37 6.97 -10.50
C LYS A 200 -20.46 6.31 -9.67
N ASP A 201 -21.24 7.12 -8.96
CA ASP A 201 -22.38 6.58 -8.18
C ASP A 201 -23.53 6.34 -9.17
N SER A 202 -24.65 5.82 -8.67
CA SER A 202 -25.87 5.46 -9.45
C SER A 202 -26.43 6.67 -10.20
N GLU A 203 -26.11 7.89 -9.77
CA GLU A 203 -26.57 9.13 -10.44
C GLU A 203 -25.51 9.66 -11.42
N GLY A 204 -24.36 8.99 -11.56
CA GLY A 204 -23.27 9.44 -12.46
C GLY A 204 -22.31 10.45 -11.82
N VAL A 205 -22.39 10.72 -10.52
CA VAL A 205 -21.48 11.67 -9.81
C VAL A 205 -20.14 10.93 -9.58
N GLU A 206 -19.03 11.60 -9.87
CA GLU A 206 -17.67 11.04 -9.72
C GLU A 206 -17.35 10.93 -8.24
N ILE A 207 -17.01 9.73 -7.79
CA ILE A 207 -16.62 9.44 -6.38
C ILE A 207 -15.29 8.68 -6.41
N MET A 208 -14.72 8.42 -5.23
CA MET A 208 -13.62 7.46 -5.05
C MET A 208 -14.10 6.39 -4.09
N LEU A 209 -13.78 5.14 -4.36
CA LEU A 209 -13.99 4.04 -3.40
C LEU A 209 -12.62 3.71 -2.78
N GLY A 210 -12.53 3.66 -1.45
CA GLY A 210 -11.29 3.28 -0.77
C GLY A 210 -11.46 1.91 -0.18
N VAL A 211 -10.45 1.06 -0.32
CA VAL A 211 -10.48 -0.29 0.28
C VAL A 211 -9.38 -0.35 1.34
N CYS A 212 -9.71 -0.75 2.55
CA CYS A 212 -8.73 -0.83 3.65
C CYS A 212 -9.16 -1.89 4.67
N ALA A 213 -8.36 -2.10 5.71
CA ALA A 213 -8.60 -3.08 6.78
C ALA A 213 -10.02 -2.99 7.40
N SER A 214 -10.48 -1.77 7.65
CA SER A 214 -11.73 -1.49 8.41
C SER A 214 -12.93 -1.80 7.50
N GLY A 215 -12.84 -1.45 6.21
CA GLY A 215 -13.96 -1.69 5.28
C GLY A 215 -13.82 -0.94 3.98
N LEU A 216 -14.95 -0.52 3.45
CA LEU A 216 -15.06 0.22 2.19
C LEU A 216 -15.48 1.64 2.55
N LEU A 217 -14.80 2.62 1.95
CA LEU A 217 -15.08 4.06 2.13
C LEU A 217 -15.57 4.58 0.78
N ILE A 218 -16.58 5.46 0.80
CA ILE A 218 -17.06 6.22 -0.39
C ILE A 218 -16.77 7.70 -0.16
N TYR A 219 -15.81 8.27 -0.88
CA TYR A 219 -15.43 9.70 -0.82
C TYR A 219 -16.25 10.44 -1.88
N ARG A 220 -17.16 11.32 -1.45
CA ARG A 220 -18.16 12.00 -2.31
C ARG A 220 -17.80 13.48 -2.48
N ASP A 221 -17.89 14.28 -1.41
CA ASP A 221 -17.87 15.77 -1.47
C ASP A 221 -16.68 16.37 -0.71
N ARG A 222 -16.00 15.60 0.15
CA ARG A 222 -15.17 16.06 1.30
C ARG A 222 -16.09 16.28 2.50
N LEU A 223 -17.28 16.84 2.25
CA LEU A 223 -18.40 16.94 3.22
C LEU A 223 -19.43 15.84 2.89
N ARG A 224 -19.24 14.65 3.48
CA ARG A 224 -20.07 13.41 3.31
C ARG A 224 -19.15 12.29 2.78
N ILE A 225 -18.63 11.47 3.70
CA ILE A 225 -17.89 10.21 3.44
C ILE A 225 -18.68 9.06 4.07
N ASN A 226 -19.21 8.15 3.26
CA ASN A 226 -19.94 6.94 3.73
C ASN A 226 -18.88 5.84 3.99
N ARG A 227 -19.01 5.13 5.10
CA ARG A 227 -18.10 4.04 5.53
C ARG A 227 -18.90 2.76 5.79
N PHE A 228 -18.45 1.63 5.25
CA PHE A 228 -19.11 0.31 5.46
C PHE A 228 -18.07 -0.61 6.09
N ALA A 229 -18.11 -0.80 7.42
CA ALA A 229 -17.26 -1.79 8.14
C ALA A 229 -17.46 -3.16 7.46
N TRP A 230 -16.41 -3.95 7.33
CA TRP A 230 -16.49 -5.26 6.63
C TRP A 230 -17.66 -6.07 7.16
N PRO A 231 -17.94 -6.13 8.49
CA PRO A 231 -19.09 -6.89 8.99
C PRO A 231 -20.49 -6.53 8.43
N LYS A 232 -20.66 -5.27 8.00
CA LYS A 232 -21.93 -4.71 7.46
C LYS A 232 -22.05 -5.03 5.96
N VAL A 233 -20.94 -5.40 5.32
CA VAL A 233 -20.90 -5.80 3.88
C VAL A 233 -21.23 -7.29 3.79
N LEU A 234 -22.38 -7.64 3.22
CA LEU A 234 -22.85 -9.05 3.13
C LEU A 234 -22.33 -9.71 1.85
N LYS A 235 -22.40 -9.01 0.72
CA LYS A 235 -22.05 -9.57 -0.60
C LYS A 235 -21.39 -8.50 -1.47
N ILE A 236 -20.33 -8.91 -2.19
CA ILE A 236 -19.59 -8.10 -3.21
C ILE A 236 -19.86 -8.76 -4.57
N SER A 237 -20.01 -7.97 -5.63
CA SER A 237 -20.24 -8.50 -7.01
C SER A 237 -19.92 -7.46 -8.08
N TYR A 238 -19.64 -7.93 -9.29
CA TYR A 238 -19.45 -7.06 -10.47
C TYR A 238 -20.23 -7.64 -11.64
N LYS A 239 -20.66 -6.78 -12.54
CA LYS A 239 -21.28 -7.24 -13.80
C LYS A 239 -21.05 -6.12 -14.80
N ARG A 240 -20.42 -6.44 -15.93
CA ARG A 240 -20.01 -5.47 -16.99
C ARG A 240 -19.10 -4.41 -16.33
N ASN A 241 -19.50 -3.14 -16.35
CA ASN A 241 -18.72 -2.00 -15.81
C ASN A 241 -19.18 -1.67 -14.39
N ASN A 242 -20.05 -2.50 -13.81
CA ASN A 242 -20.72 -2.15 -12.53
C ASN A 242 -20.20 -3.01 -11.37
N PHE A 243 -20.07 -2.37 -10.22
CA PHE A 243 -19.63 -2.98 -8.94
C PHE A 243 -20.78 -2.79 -7.93
N TYR A 244 -21.17 -3.85 -7.24
CA TYR A 244 -22.33 -3.84 -6.30
C TYR A 244 -21.88 -4.29 -4.91
N ILE A 245 -22.35 -3.59 -3.87
CA ILE A 245 -22.21 -4.13 -2.49
C ILE A 245 -23.60 -4.32 -1.88
N LYS A 246 -23.81 -5.43 -1.18
CA LYS A 246 -25.03 -5.75 -0.39
C LYS A 246 -24.80 -5.25 1.05
N ILE A 247 -25.51 -4.20 1.50
CA ILE A 247 -25.34 -3.59 2.86
C ILE A 247 -26.41 -4.12 3.83
N ARG A 248 -25.97 -4.64 4.97
CA ARG A 248 -26.84 -5.31 6.00
C ARG A 248 -28.06 -4.46 6.32
N PRO A 249 -29.21 -5.10 6.59
CA PRO A 249 -30.35 -4.41 7.20
C PRO A 249 -29.96 -3.98 8.62
N GLY A 250 -30.30 -2.75 9.00
CA GLY A 250 -30.24 -2.31 10.41
C GLY A 250 -31.27 -3.07 11.23
N GLU A 251 -30.88 -3.59 12.40
CA GLU A 251 -31.77 -4.37 13.31
C GLU A 251 -33.23 -4.00 13.01
N PHE A 252 -34.12 -5.00 12.93
CA PHE A 252 -35.59 -4.84 12.73
C PHE A 252 -35.86 -4.30 11.32
N GLU A 253 -34.92 -4.48 10.40
CA GLU A 253 -35.14 -4.20 8.95
C GLU A 253 -35.32 -5.54 8.24
N GLN A 254 -36.21 -5.59 7.23
CA GLN A 254 -36.66 -6.86 6.60
C GLN A 254 -35.64 -7.32 5.55
N PHE A 255 -34.98 -6.37 4.87
CA PHE A 255 -34.17 -6.65 3.65
C PHE A 255 -32.79 -6.00 3.75
N GLU A 256 -31.81 -6.66 3.12
CA GLU A 256 -30.48 -6.12 2.75
C GLU A 256 -30.69 -4.92 1.81
N SER A 257 -29.74 -3.98 1.74
CA SER A 257 -29.79 -2.80 0.83
C SER A 257 -28.70 -2.93 -0.27
N THR A 258 -28.86 -2.29 -1.43
CA THR A 258 -27.90 -2.46 -2.57
C THR A 258 -27.44 -1.08 -3.03
N ILE A 259 -26.10 -0.97 -3.14
CA ILE A 259 -25.44 0.25 -3.64
C ILE A 259 -24.63 -0.14 -4.86
N GLY A 260 -24.82 0.63 -5.94
CA GLY A 260 -24.24 0.33 -7.27
C GLY A 260 -23.27 1.39 -7.67
N PHE A 261 -22.16 0.97 -8.29
CA PHE A 261 -21.15 1.90 -8.86
C PHE A 261 -20.80 1.52 -10.29
N LYS A 262 -20.56 2.55 -11.08
CA LYS A 262 -20.03 2.45 -12.45
C LYS A 262 -18.52 2.60 -12.41
N LEU A 263 -17.78 1.60 -12.86
CA LEU A 263 -16.31 1.71 -12.99
C LEU A 263 -15.97 2.06 -14.44
N PRO A 264 -14.76 2.57 -14.68
CA PRO A 264 -14.31 2.99 -16.02
C PRO A 264 -14.50 1.94 -17.12
N ASN A 265 -14.32 0.66 -16.78
CA ASN A 265 -14.41 -0.46 -17.74
C ASN A 265 -14.55 -1.73 -16.93
N HIS A 266 -14.79 -2.85 -17.58
CA HIS A 266 -15.07 -4.16 -16.96
C HIS A 266 -13.84 -4.63 -16.16
N ARG A 267 -12.64 -4.34 -16.64
CA ARG A 267 -11.42 -4.83 -15.94
C ARG A 267 -11.28 -4.07 -14.64
N ALA A 268 -11.59 -2.77 -14.63
CA ALA A 268 -11.51 -1.92 -13.42
C ALA A 268 -12.54 -2.40 -12.39
N ALA A 269 -13.71 -2.87 -12.84
CA ALA A 269 -14.75 -3.42 -11.94
C ALA A 269 -14.26 -4.73 -11.31
N LYS A 270 -13.65 -5.61 -12.09
CA LYS A 270 -13.25 -6.95 -11.56
C LYS A 270 -12.10 -6.77 -10.56
N ARG A 271 -11.18 -5.86 -10.85
CA ARG A 271 -9.98 -5.52 -10.03
C ARG A 271 -10.45 -5.01 -8.66
N LEU A 272 -11.44 -4.12 -8.65
CA LEU A 272 -12.01 -3.60 -7.38
C LEU A 272 -12.67 -4.75 -6.60
N TRP A 273 -13.46 -5.60 -7.29
CA TRP A 273 -14.12 -6.77 -6.67
C TRP A 273 -13.05 -7.64 -5.99
N LYS A 274 -11.95 -7.94 -6.68
CA LYS A 274 -10.95 -8.90 -6.15
C LYS A 274 -10.23 -8.29 -4.93
N VAL A 275 -9.84 -7.04 -5.00
CA VAL A 275 -9.15 -6.40 -3.83
C VAL A 275 -10.11 -6.32 -2.64
N CYS A 276 -11.42 -6.11 -2.85
CA CYS A 276 -12.42 -6.09 -1.75
C CYS A 276 -12.53 -7.49 -1.10
N VAL A 277 -12.73 -8.53 -1.90
CA VAL A 277 -12.81 -9.94 -1.42
C VAL A 277 -11.55 -10.24 -0.60
N GLU A 278 -10.38 -9.88 -1.11
CA GLU A 278 -9.11 -10.23 -0.41
C GLU A 278 -9.01 -9.48 0.92
N HIS A 279 -9.34 -8.19 0.95
CA HIS A 279 -9.33 -7.39 2.20
C HIS A 279 -10.37 -7.96 3.18
N HIS A 280 -11.53 -8.36 2.69
CA HIS A 280 -12.64 -8.90 3.55
C HIS A 280 -12.12 -10.17 4.25
N THR A 281 -11.55 -11.09 3.48
CA THR A 281 -10.97 -12.34 4.01
C THR A 281 -9.84 -12.02 4.99
N PHE A 282 -8.89 -11.21 4.55
CA PHE A 282 -7.68 -10.94 5.35
C PHE A 282 -8.10 -10.35 6.69
N PHE A 283 -9.01 -9.38 6.66
CA PHE A 283 -9.27 -8.57 7.87
C PHE A 283 -10.36 -9.23 8.74
N ARG A 284 -11.02 -10.27 8.23
CA ARG A 284 -11.95 -11.17 8.98
C ARG A 284 -11.15 -12.16 9.85
N LEU A 285 -9.90 -12.45 9.47
CA LEU A 285 -9.05 -13.48 10.15
C LEU A 285 -8.07 -12.81 11.14
N LEU A 286 -7.82 -11.50 11.00
CA LEU A 286 -6.82 -10.76 11.80
C LEU A 286 -7.38 -10.53 13.22
N1 WH1 B . -13.04 8.06 11.75
C4 WH1 B . -14.05 5.87 12.04
C5 WH1 B . -15.32 6.42 11.86
C6 WH1 B . -15.46 7.79 11.64
C7 WH1 B . -14.30 8.57 11.59
C8 WH1 B . -12.59 4.41 9.27
C10 WH1 B . -13.30 2.72 7.63
C13 WH1 B . -15.48 2.00 9.18
N WH1 B . -11.81 4.30 10.46
C WH1 B . -11.42 2.96 10.97
O WH1 B . -12.52 5.44 8.57
C1 WH1 B . -10.99 5.46 10.92
C11 WH1 B . -14.22 1.79 7.14
C12 WH1 B . -15.31 1.44 7.93
C14 WH1 B . -14.57 2.93 9.64
C2 WH1 B . -11.54 6.17 12.19
C3 WH1 B . -12.94 6.72 11.97
C9 WH1 B . -13.50 3.31 8.85
S DMS C . 10.22 1.89 -5.85
O DMS C . 9.44 1.64 -4.58
C1 DMS C . 9.27 3.07 -6.80
C2 DMS C . 11.57 2.97 -5.41
S DMS D . -8.67 4.49 8.20
O DMS D . -9.13 3.12 8.61
C1 DMS D . -7.06 4.26 7.47
C2 DMS D . -9.56 4.87 6.71
C1 EDO E . 12.94 -10.21 15.83
O1 EDO E . 12.85 -9.10 14.93
C2 EDO E . 12.42 -9.94 17.20
O2 EDO E . 11.60 -8.76 17.30
C1 EDO F . 1.47 1.40 -4.80
O1 EDO F . 2.81 1.19 -5.24
C2 EDO F . 0.84 0.23 -4.15
O2 EDO F . 1.08 -1.03 -4.77
C1 EDO G . -4.01 6.80 -4.38
O1 EDO G . -4.15 6.39 -5.74
C2 EDO G . -3.99 5.72 -3.32
O2 EDO G . -4.68 4.51 -3.62
C1 EDO H . 14.70 8.27 -0.92
O1 EDO H . 15.94 8.90 -0.77
C2 EDO H . 13.98 8.17 0.37
O2 EDO H . 12.55 8.00 0.31
C1 EDO I . -9.26 -4.01 -24.30
O1 EDO I . -8.35 -4.35 -25.33
C2 EDO I . -8.77 -4.34 -22.93
O2 EDO I . -9.38 -5.49 -22.34
C1 EDO J . -1.58 3.34 -0.74
O1 EDO J . -0.71 3.10 -1.82
C2 EDO J . -2.33 2.13 -0.35
O2 EDO J . -2.59 1.35 -1.50
#